data_1W1R
#
_entry.id   1W1R
#
_cell.length_a   171.033
_cell.length_b   171.033
_cell.length_c   54.143
_cell.angle_alpha   90.00
_cell.angle_beta   90.00
_cell.angle_gamma   90.00
#
_symmetry.space_group_name_H-M   'P 42 21 2'
#
loop_
_entity.id
_entity.type
_entity.pdbx_description
1 polymer 'CYTOKININ DEHYDROGENASE 1'
2 branched 2-acetamido-2-deoxy-beta-D-glucopyranose-(1-4)-2-acetamido-2-deoxy-beta-D-glucopyranose
3 non-polymer 'FLAVIN-ADENINE DINUCLEOTIDE'
4 non-polymer (2E)-2-methyl-4-(9H-purin-6-ylamino)but-2-en-1-ol
5 non-polymer 2-acetamido-2-deoxy-beta-D-glucopyranose
6 water water
#
_entity_poly.entity_id   1
_entity_poly.type   'polypeptide(L)'
_entity_poly.pdbx_seq_one_letter_code
;MAVVYYLLLAGLIACSHALAAGTPALGDDRGRPWPASLAALALDGKLRTDSNATAAASTDFGNITSALPAAVLYPSSTGD
LVALLSAANSTPGWPYTIAFRGRGHSLMGQAFAPGGVVVNMASLGDAAAPPRINVSADGRYVDAGGEQVWIDVLRASLAR
GVAPRSWTDYLYLTVGGTLSNAGISGQAFRHGPQISNVLEMDVITGHGEMVTCSKQLNADLFDAVLGGLGQFGVITRARI
AVEPAPARARWVRFVYTDFAAFSADQERLTAPRPGGGGASFGPMSYVEGSVFVNQSLATDLANTGFFTDADVARIVALAG
ERNATTVYSIEATLNYDNATAAAAAVDQELASVLGTLSYVEGFAFQRDVAYAAFLDRVHGEEVALNKLGLWRVPHPWLNM
FVPRSRIADFDRGVFKGILQGTDIVGPLIVYPLNKSMWDDGMSAATPSEDVFYAVSLLFSSVAPNDLARLQEQNRRILRF
CDLAGIQYKTYLARHTDRSDWVRHFGAAKWNRFVEMKNKYDPKRLLSPGQDIFN
;
_entity_poly.pdbx_strand_id   A
#
loop_
_chem_comp.id
_chem_comp.type
_chem_comp.name
_chem_comp.formula
FAD non-polymer 'FLAVIN-ADENINE DINUCLEOTIDE' 'C27 H33 N9 O15 P2'
NAG D-saccharide, beta linking 2-acetamido-2-deoxy-beta-D-glucopyranose 'C8 H15 N O6'
ZEA non-polymer (2E)-2-methyl-4-(9H-purin-6-ylamino)but-2-en-1-ol 'C10 H13 N5 O'
#
# COMPACT_ATOMS: atom_id res chain seq x y z
N ALA A 40 1.14 0.26 -36.37
CA ALA A 40 1.94 1.39 -35.82
C ALA A 40 2.76 0.97 -34.60
N LEU A 41 2.22 0.03 -33.81
CA LEU A 41 2.88 -0.47 -32.61
C LEU A 41 3.22 -1.94 -32.72
N ALA A 42 2.24 -2.74 -33.17
CA ALA A 42 2.36 -4.19 -33.25
C ALA A 42 3.46 -4.65 -34.20
N LEU A 43 3.59 -3.98 -35.34
CA LEU A 43 4.63 -4.27 -36.32
C LEU A 43 6.02 -3.96 -35.75
N ASP A 44 6.08 -2.94 -34.90
CA ASP A 44 7.31 -2.58 -34.19
C ASP A 44 7.55 -3.53 -33.02
N GLY A 45 6.66 -4.51 -32.86
CA GLY A 45 6.79 -5.55 -31.86
C GLY A 45 6.26 -5.19 -30.48
N LYS A 46 5.68 -3.99 -30.37
CA LYS A 46 5.28 -3.45 -29.07
C LYS A 46 3.93 -4.00 -28.56
N LEU A 47 3.00 -4.24 -29.48
CA LEU A 47 1.69 -4.77 -29.11
C LEU A 47 1.62 -6.27 -29.39
N ARG A 48 1.72 -7.06 -28.32
CA ARG A 48 1.82 -8.52 -28.42
C ARG A 48 0.49 -9.21 -28.11
N THR A 49 0.17 -10.21 -28.93
CA THR A 49 -1.07 -10.99 -28.77
C THR A 49 -0.80 -12.47 -28.54
N ASP A 50 0.48 -12.83 -28.45
CA ASP A 50 0.88 -14.23 -28.27
C ASP A 50 0.47 -14.72 -26.89
N SER A 51 0.28 -16.04 -26.77
CA SER A 51 -0.25 -16.66 -25.55
C SER A 51 0.58 -16.39 -24.30
N ASN A 52 1.90 -16.42 -24.44
CA ASN A 52 2.79 -16.17 -23.31
C ASN A 52 2.63 -14.75 -22.74
N ALA A 53 2.51 -13.77 -23.63
CA ALA A 53 2.29 -12.37 -23.24
C ALA A 53 0.97 -12.18 -22.50
N THR A 54 -0.11 -12.68 -23.10
CA THR A 54 -1.45 -12.54 -22.50
C THR A 54 -1.56 -13.27 -21.17
N ALA A 55 -0.98 -14.48 -21.08
CA ALA A 55 -0.99 -15.25 -19.85
C ALA A 55 -0.30 -14.53 -18.70
N ALA A 56 0.86 -13.95 -18.98
CA ALA A 56 1.65 -13.25 -17.97
C ALA A 56 0.93 -12.02 -17.40
N ALA A 57 0.05 -11.42 -18.21
CA ALA A 57 -0.71 -10.23 -17.79
C ALA A 57 -2.12 -10.58 -17.29
N SER A 58 -2.35 -11.87 -17.05
CA SER A 58 -3.69 -12.37 -16.70
C SER A 58 -3.83 -12.80 -15.24
N THR A 59 -2.72 -12.78 -14.50
CA THR A 59 -2.72 -13.13 -13.08
C THR A 59 -2.05 -12.03 -12.27
N ASP A 60 -2.31 -12.01 -10.97
CA ASP A 60 -1.65 -11.05 -10.09
C ASP A 60 -1.21 -11.68 -8.76
N PHE A 61 -0.67 -10.85 -7.87
CA PHE A 61 -0.19 -11.28 -6.57
C PHE A 61 -1.25 -11.98 -5.73
N GLY A 62 -2.50 -11.52 -5.85
CA GLY A 62 -3.62 -12.10 -5.14
C GLY A 62 -3.77 -13.59 -5.43
N ASN A 63 -3.51 -13.97 -6.68
CA ASN A 63 -3.53 -15.38 -7.10
C ASN A 63 -4.91 -16.01 -6.85
N ILE A 64 -5.95 -15.20 -6.99
CA ILE A 64 -7.32 -15.65 -6.72
C ILE A 64 -8.19 -15.49 -7.97
N THR A 65 -8.07 -14.33 -8.62
CA THR A 65 -8.81 -14.09 -9.85
C THR A 65 -7.86 -13.98 -11.04
N SER A 66 -8.37 -14.30 -12.22
CA SER A 66 -7.60 -14.22 -13.47
C SER A 66 -8.48 -13.72 -14.59
N ALA A 67 -7.88 -12.99 -15.53
CA ALA A 67 -8.59 -12.48 -16.70
C ALA A 67 -7.63 -12.24 -17.85
N LEU A 68 -7.83 -12.97 -18.95
CA LEU A 68 -6.99 -12.83 -20.13
C LEU A 68 -7.29 -11.55 -20.90
N PRO A 69 -6.25 -10.77 -21.18
CA PRO A 69 -6.38 -9.60 -22.07
C PRO A 69 -6.32 -10.04 -23.53
N ALA A 70 -6.77 -9.19 -24.45
CA ALA A 70 -6.62 -9.43 -25.88
C ALA A 70 -5.17 -9.21 -26.32
N ALA A 71 -4.52 -8.22 -25.71
CA ALA A 71 -3.16 -7.82 -26.11
C ALA A 71 -2.40 -7.21 -24.94
N VAL A 72 -1.08 -7.20 -25.06
CA VAL A 72 -0.21 -6.56 -24.08
C VAL A 72 0.75 -5.60 -24.79
N LEU A 73 0.72 -4.34 -24.38
CA LEU A 73 1.66 -3.35 -24.91
C LEU A 73 2.93 -3.33 -24.10
N TYR A 74 4.06 -3.38 -24.79
CA TYR A 74 5.38 -3.26 -24.19
C TYR A 74 6.01 -1.97 -24.70
N PRO A 75 5.66 -0.82 -24.12
CA PRO A 75 6.09 0.47 -24.65
C PRO A 75 7.57 0.75 -24.38
N SER A 76 8.28 1.22 -25.40
CA SER A 76 9.70 1.54 -25.23
C SER A 76 9.87 2.97 -24.73
N SER A 77 8.83 3.79 -24.92
CA SER A 77 8.83 5.19 -24.51
C SER A 77 7.41 5.68 -24.26
N THR A 78 7.27 6.84 -23.62
CA THR A 78 5.95 7.40 -23.32
C THR A 78 5.16 7.71 -24.58
N GLY A 79 5.88 7.98 -25.67
CA GLY A 79 5.28 8.19 -26.99
C GLY A 79 4.39 7.04 -27.44
N ASP A 80 4.77 5.81 -27.11
CA ASP A 80 3.97 4.62 -27.40
C ASP A 80 2.65 4.58 -26.63
N LEU A 81 2.68 5.10 -25.40
CA LEU A 81 1.47 5.19 -24.57
C LEU A 81 0.54 6.28 -25.10
N VAL A 82 1.12 7.41 -25.47
CA VAL A 82 0.38 8.50 -26.12
C VAL A 82 -0.29 7.96 -27.40
N ALA A 83 0.45 7.16 -28.17
CA ALA A 83 -0.08 6.58 -29.41
C ALA A 83 -1.29 5.68 -29.15
N LEU A 84 -1.20 4.79 -28.17
CA LEU A 84 -2.30 3.90 -27.80
C LEU A 84 -3.54 4.69 -27.34
N LEU A 85 -3.33 5.59 -26.38
CA LEU A 85 -4.43 6.35 -25.80
C LEU A 85 -5.05 7.34 -26.78
N SER A 86 -4.23 7.88 -27.68
CA SER A 86 -4.72 8.75 -28.75
C SER A 86 -5.59 7.97 -29.74
N ALA A 87 -5.14 6.76 -30.08
CA ALA A 87 -5.91 5.86 -30.95
C ALA A 87 -7.24 5.51 -30.30
N ALA A 88 -7.19 5.16 -29.00
CA ALA A 88 -8.39 4.83 -28.24
C ALA A 88 -9.38 5.99 -28.24
N ASN A 89 -8.86 7.20 -28.04
CA ASN A 89 -9.66 8.41 -28.01
C ASN A 89 -10.32 8.76 -29.35
N SER A 90 -9.57 8.62 -30.43
CA SER A 90 -10.01 9.07 -31.75
C SER A 90 -10.77 8.05 -32.58
N THR A 91 -10.74 6.78 -32.16
CA THR A 91 -11.36 5.69 -32.92
C THR A 91 -12.79 5.39 -32.45
N PRO A 92 -13.77 5.61 -33.33
CA PRO A 92 -15.15 5.19 -33.05
C PRO A 92 -15.19 3.67 -33.02
N GLY A 93 -15.93 3.10 -32.06
CA GLY A 93 -15.96 1.67 -31.90
C GLY A 93 -14.62 1.10 -31.47
N TRP A 94 -13.85 1.88 -30.71
CA TRP A 94 -12.62 1.38 -30.10
C TRP A 94 -12.98 0.23 -29.16
N PRO A 95 -12.39 -0.94 -29.37
CA PRO A 95 -12.83 -2.15 -28.67
C PRO A 95 -12.29 -2.37 -27.25
N TYR A 96 -11.15 -1.76 -26.91
CA TYR A 96 -10.37 -2.24 -25.77
C TYR A 96 -10.35 -1.33 -24.54
N THR A 97 -10.68 -1.91 -23.39
CA THR A 97 -10.29 -1.30 -22.12
C THR A 97 -8.77 -1.37 -22.01
N ILE A 98 -8.19 -0.49 -21.19
CA ILE A 98 -6.74 -0.44 -21.03
C ILE A 98 -6.39 -0.40 -19.55
N ALA A 99 -5.54 -1.34 -19.13
CA ALA A 99 -5.02 -1.37 -17.77
C ALA A 99 -3.52 -1.10 -17.78
N PHE A 100 -3.02 -0.56 -16.68
CA PHE A 100 -1.59 -0.28 -16.56
C PHE A 100 -0.98 -1.16 -15.49
N ARG A 101 -0.32 -2.23 -15.93
CA ARG A 101 0.30 -3.16 -15.00
C ARG A 101 1.62 -2.60 -14.48
N GLY A 102 1.67 -2.37 -13.17
CA GLY A 102 2.89 -1.92 -12.53
C GLY A 102 3.79 -3.12 -12.37
N ARG A 103 3.57 -3.87 -11.29
CA ARG A 103 4.20 -5.17 -11.10
C ARG A 103 3.13 -6.23 -10.75
N GLY A 104 1.87 -5.86 -10.95
CA GLY A 104 0.75 -6.76 -10.71
C GLY A 104 0.62 -7.17 -9.26
N HIS A 105 0.88 -6.23 -8.34
CA HIS A 105 0.74 -6.55 -6.92
C HIS A 105 -0.71 -6.46 -6.41
N SER A 106 -1.63 -6.13 -7.30
CA SER A 106 -3.06 -6.12 -7.02
C SER A 106 -3.53 -7.47 -6.46
N LEU A 107 -4.59 -7.42 -5.63
CA LEU A 107 -5.11 -8.61 -4.96
C LEU A 107 -6.29 -9.26 -5.68
N MET A 108 -7.05 -8.46 -6.42
CA MET A 108 -8.31 -8.93 -7.00
C MET A 108 -8.57 -8.42 -8.41
N GLY A 109 -7.54 -8.45 -9.25
CA GLY A 109 -7.70 -8.18 -10.66
C GLY A 109 -7.69 -6.74 -11.11
N GLN A 110 -7.28 -5.83 -10.21
CA GLN A 110 -7.30 -4.40 -10.49
C GLN A 110 -6.43 -3.99 -11.68
N ALA A 111 -5.42 -4.81 -11.98
CA ALA A 111 -4.51 -4.52 -13.09
C ALA A 111 -4.82 -5.33 -14.36
N PHE A 112 -5.98 -5.99 -14.39
CA PHE A 112 -6.40 -6.75 -15.58
C PHE A 112 -7.19 -5.90 -16.56
N ALA A 113 -7.13 -6.28 -17.84
CA ALA A 113 -8.00 -5.71 -18.85
C ALA A 113 -8.64 -6.87 -19.60
N PRO A 114 -9.76 -7.40 -19.07
CA PRO A 114 -10.41 -8.58 -19.65
C PRO A 114 -10.79 -8.31 -21.10
N GLY A 115 -10.19 -9.05 -22.03
CA GLY A 115 -10.42 -8.85 -23.46
C GLY A 115 -9.97 -7.48 -23.94
N GLY A 116 -9.06 -6.85 -23.20
CA GLY A 116 -8.58 -5.52 -23.52
C GLY A 116 -7.06 -5.50 -23.69
N VAL A 117 -6.47 -4.34 -23.45
CA VAL A 117 -5.02 -4.17 -23.54
C VAL A 117 -4.44 -3.90 -22.16
N VAL A 118 -3.51 -4.75 -21.73
CA VAL A 118 -2.70 -4.46 -20.55
C VAL A 118 -1.42 -3.79 -21.01
N VAL A 119 -1.07 -2.68 -20.38
CA VAL A 119 0.22 -2.04 -20.63
C VAL A 119 1.24 -2.62 -19.66
N ASN A 120 2.28 -3.26 -20.21
CA ASN A 120 3.42 -3.70 -19.42
C ASN A 120 4.31 -2.50 -19.14
N MET A 121 3.97 -1.78 -18.08
CA MET A 121 4.65 -0.52 -17.75
C MET A 121 6.16 -0.65 -17.59
N ALA A 122 6.61 -1.79 -17.05
CA ALA A 122 8.03 -2.04 -16.80
C ALA A 122 8.91 -1.81 -18.03
N SER A 123 8.32 -1.99 -19.22
CA SER A 123 9.01 -1.82 -20.50
C SER A 123 9.58 -0.41 -20.69
N LEU A 124 8.97 0.58 -20.04
CA LEU A 124 9.45 1.97 -20.10
C LEU A 124 10.84 2.14 -19.48
N GLY A 125 11.22 1.19 -18.63
CA GLY A 125 12.50 1.25 -17.92
C GLY A 125 13.55 0.32 -18.49
N ASP A 126 13.28 -0.25 -19.66
CA ASP A 126 14.18 -1.21 -20.31
C ASP A 126 15.48 -0.55 -20.80
N ALA A 127 15.34 0.60 -21.46
CA ALA A 127 16.47 1.31 -22.05
C ALA A 127 17.43 1.84 -20.98
N ALA A 128 18.73 1.76 -21.27
CA ALA A 128 19.76 2.26 -20.35
C ALA A 128 19.72 3.78 -20.24
N ALA A 129 19.45 4.44 -21.36
CA ALA A 129 19.35 5.89 -21.42
C ALA A 129 18.12 6.30 -22.23
N PRO A 130 17.43 7.37 -21.80
CA PRO A 130 17.79 8.16 -20.62
C PRO A 130 17.28 7.55 -19.30
N PRO A 131 17.85 7.96 -18.17
CA PRO A 131 17.46 7.43 -16.85
C PRO A 131 15.99 7.71 -16.51
N ARG A 132 15.38 6.78 -15.80
CA ARG A 132 13.98 6.90 -15.42
C ARG A 132 13.82 7.43 -13.99
N ILE A 133 14.95 7.67 -13.32
CA ILE A 133 14.94 8.25 -11.99
C ILE A 133 15.98 9.37 -11.92
N ASN A 134 15.50 10.61 -11.72
CA ASN A 134 16.38 11.76 -11.60
C ASN A 134 16.19 12.48 -10.27
N VAL A 135 17.22 12.41 -9.42
CA VAL A 135 17.27 13.24 -8.22
C VAL A 135 17.54 14.67 -8.69
N SER A 136 16.77 15.61 -8.16
CA SER A 136 16.92 17.02 -8.54
C SER A 136 18.32 17.55 -8.24
N ALA A 137 18.71 18.60 -8.96
CA ALA A 137 20.01 19.21 -8.80
C ALA A 137 20.29 19.62 -7.35
N ASP A 138 19.28 20.16 -6.66
CA ASP A 138 19.43 20.56 -5.28
C ASP A 138 19.09 19.47 -4.26
N GLY A 139 18.69 18.30 -4.76
CA GLY A 139 18.39 17.14 -3.93
C GLY A 139 17.13 17.26 -3.09
N ARG A 140 16.21 18.14 -3.48
CA ARG A 140 14.97 18.36 -2.74
C ARG A 140 13.79 17.51 -3.23
N TYR A 141 13.97 16.88 -4.39
CA TYR A 141 12.99 15.95 -4.92
C TYR A 141 13.62 14.91 -5.82
N VAL A 142 12.86 13.88 -6.15
CA VAL A 142 13.28 12.88 -7.12
C VAL A 142 12.17 12.63 -8.14
N ASP A 143 12.50 12.77 -9.42
CA ASP A 143 11.59 12.44 -10.51
C ASP A 143 11.72 10.95 -10.81
N ALA A 144 10.59 10.25 -10.81
CA ALA A 144 10.62 8.81 -11.08
C ALA A 144 9.56 8.43 -12.10
N GLY A 145 9.95 7.57 -13.05
CA GLY A 145 9.00 7.02 -14.00
C GLY A 145 7.90 6.29 -13.24
N GLY A 146 6.67 6.34 -13.76
CA GLY A 146 5.54 5.67 -13.14
C GLY A 146 5.73 4.17 -12.98
N GLU A 147 6.51 3.59 -13.88
CA GLU A 147 6.79 2.17 -13.89
C GLU A 147 7.87 1.74 -12.89
N GLN A 148 8.65 2.71 -12.41
CA GLN A 148 9.79 2.41 -11.56
C GLN A 148 9.35 1.87 -10.20
N VAL A 149 10.10 0.92 -9.66
CA VAL A 149 9.81 0.38 -8.34
C VAL A 149 10.50 1.18 -7.24
N TRP A 150 9.86 1.27 -6.08
CA TRP A 150 10.32 2.12 -5.00
C TRP A 150 11.71 1.76 -4.47
N ILE A 151 12.08 0.48 -4.57
CA ILE A 151 13.42 0.05 -4.18
C ILE A 151 14.48 0.75 -5.03
N ASP A 152 14.22 0.91 -6.33
CA ASP A 152 15.14 1.60 -7.23
C ASP A 152 15.15 3.11 -6.98
N VAL A 153 13.99 3.67 -6.62
CA VAL A 153 13.90 5.07 -6.24
C VAL A 153 14.77 5.34 -5.00
N LEU A 154 14.70 4.42 -4.04
CA LEU A 154 15.51 4.52 -2.83
C LEU A 154 17.01 4.52 -3.16
N ARG A 155 17.42 3.54 -3.96
CA ARG A 155 18.83 3.37 -4.31
C ARG A 155 19.40 4.61 -5.00
N ALA A 156 18.64 5.15 -5.97
CA ALA A 156 19.05 6.35 -6.68
C ALA A 156 19.09 7.59 -5.77
N SER A 157 18.13 7.67 -4.86
CA SER A 157 18.07 8.78 -3.90
C SER A 157 19.25 8.74 -2.94
N LEU A 158 19.55 7.56 -2.40
CA LEU A 158 20.65 7.38 -1.44
C LEU A 158 22.02 7.71 -2.05
N ALA A 159 22.16 7.48 -3.35
CA ALA A 159 23.38 7.83 -4.08
C ALA A 159 23.63 9.35 -4.05
N ARG A 160 22.57 10.11 -3.83
CA ARG A 160 22.63 11.57 -3.70
C ARG A 160 22.41 12.06 -2.26
N GLY A 161 22.45 11.13 -1.30
CA GLY A 161 22.36 11.48 0.11
C GLY A 161 20.96 11.81 0.60
N VAL A 162 19.95 11.47 -0.19
CA VAL A 162 18.56 11.79 0.15
C VAL A 162 17.65 10.55 0.05
N ALA A 163 16.40 10.69 0.49
CA ALA A 163 15.42 9.60 0.43
C ALA A 163 13.99 10.13 0.60
N PRO A 164 13.03 9.54 -0.10
CA PRO A 164 11.61 9.81 0.16
C PRO A 164 11.27 9.71 1.65
N ARG A 165 10.27 10.48 2.08
CA ARG A 165 9.89 10.55 3.50
C ARG A 165 8.81 9.55 3.89
N SER A 166 8.08 9.06 2.89
CA SER A 166 6.89 8.24 3.12
C SER A 166 6.95 6.99 2.26
N TRP A 167 6.79 5.82 2.88
CA TRP A 167 7.03 4.55 2.21
C TRP A 167 5.82 3.62 2.20
N THR A 168 6.00 2.47 1.58
CA THR A 168 5.16 1.29 1.81
C THR A 168 6.05 0.29 2.56
N ASP A 169 5.43 -0.71 3.20
CA ASP A 169 6.17 -1.75 3.93
C ASP A 169 7.07 -2.58 3.01
N TYR A 170 6.64 -2.69 1.76
CA TYR A 170 7.27 -3.57 0.76
C TYR A 170 7.65 -2.70 -0.42
N LEU A 171 8.89 -2.81 -0.87
CA LEU A 171 9.45 -1.84 -1.81
C LEU A 171 9.36 -2.20 -3.30
N TYR A 172 9.06 -3.46 -3.62
CA TYR A 172 8.91 -3.86 -5.02
C TYR A 172 7.50 -3.57 -5.55
N LEU A 173 7.15 -2.30 -5.53
CA LEU A 173 5.88 -1.79 -6.02
C LEU A 173 6.21 -0.57 -6.85
N THR A 174 5.38 -0.27 -7.85
CA THR A 174 5.67 0.88 -8.70
C THR A 174 5.19 2.19 -8.09
N VAL A 175 5.85 3.26 -8.52
CA VAL A 175 5.49 4.62 -8.17
C VAL A 175 4.05 4.91 -8.60
N GLY A 176 3.71 4.57 -9.84
CA GLY A 176 2.37 4.80 -10.37
C GLY A 176 1.32 3.97 -9.64
N GLY A 177 1.67 2.74 -9.28
CA GLY A 177 0.75 1.83 -8.62
C GLY A 177 0.39 2.25 -7.21
N THR A 178 1.39 2.62 -6.40
CA THR A 178 1.08 3.03 -5.03
C THR A 178 0.37 4.38 -4.99
N LEU A 179 0.75 5.27 -5.90
CA LEU A 179 0.13 6.60 -5.97
C LEU A 179 -1.32 6.56 -6.46
N SER A 180 -1.66 5.50 -7.20
CA SER A 180 -3.04 5.28 -7.61
C SER A 180 -3.90 4.71 -6.46
N ASN A 181 -3.25 4.37 -5.36
CA ASN A 181 -3.97 3.85 -4.19
C ASN A 181 -3.87 4.80 -3.00
N ALA A 182 -2.66 4.91 -2.44
CA ALA A 182 -2.34 5.89 -1.42
C ALA A 182 -0.87 5.76 -1.06
N GLY A 183 -0.46 4.54 -0.74
CA GLY A 183 0.90 4.25 -0.32
C GLY A 183 1.05 4.51 1.17
N ILE A 184 0.86 3.49 1.98
CA ILE A 184 0.93 3.66 3.44
C ILE A 184 1.99 2.78 4.10
N SER A 185 2.61 3.34 5.14
CA SER A 185 3.52 2.61 6.02
C SER A 185 3.60 3.38 7.33
N GLY A 186 4.59 3.03 8.15
CA GLY A 186 4.73 3.60 9.47
C GLY A 186 5.12 5.07 9.55
N GLN A 187 5.51 5.69 8.43
CA GLN A 187 5.84 7.12 8.38
C GLN A 187 4.63 7.99 8.11
N ALA A 188 3.54 7.38 7.65
CA ALA A 188 2.37 8.11 7.16
C ALA A 188 1.69 8.97 8.23
N PHE A 189 1.77 8.55 9.49
CA PHE A 189 1.18 9.33 10.58
C PHE A 189 1.73 10.76 10.64
N ARG A 190 3.00 10.93 10.25
CA ARG A 190 3.66 12.24 10.36
C ARG A 190 3.97 12.93 9.03
N HIS A 191 4.04 12.15 7.96
CA HIS A 191 4.31 12.72 6.63
C HIS A 191 3.15 12.57 5.66
N GLY A 192 2.13 11.83 6.08
CA GLY A 192 1.04 11.47 5.20
C GLY A 192 1.43 10.30 4.32
N PRO A 193 0.46 9.76 3.58
CA PRO A 193 0.72 8.67 2.64
C PRO A 193 1.56 9.18 1.48
N GLN A 194 1.93 8.31 0.56
CA GLN A 194 2.78 8.70 -0.56
C GLN A 194 2.12 9.74 -1.46
N ILE A 195 0.79 9.68 -1.55
CA ILE A 195 0.03 10.67 -2.32
C ILE A 195 0.08 12.08 -1.73
N SER A 196 0.46 12.19 -0.45
CA SER A 196 0.67 13.50 0.19
C SER A 196 2.09 14.01 0.01
N ASN A 197 2.91 13.24 -0.70
CA ASN A 197 4.32 13.57 -0.90
C ASN A 197 4.72 13.63 -2.38
N VAL A 198 3.80 14.12 -3.19
CA VAL A 198 3.99 14.28 -4.63
C VAL A 198 3.87 15.76 -4.97
N LEU A 199 4.87 16.28 -5.67
CA LEU A 199 4.91 17.69 -6.07
C LEU A 199 4.17 17.93 -7.38
N GLU A 200 4.35 17.01 -8.33
CA GLU A 200 3.73 17.08 -9.64
C GLU A 200 3.84 15.75 -10.35
N MET A 201 3.05 15.59 -11.42
CA MET A 201 3.07 14.35 -12.21
C MET A 201 2.92 14.68 -13.70
N ASP A 202 3.44 13.78 -14.53
CA ASP A 202 3.05 13.72 -15.94
C ASP A 202 2.03 12.60 -16.07
N VAL A 203 0.89 12.91 -16.67
CA VAL A 203 -0.19 11.95 -16.84
C VAL A 203 -0.66 11.98 -18.30
N ILE A 204 -0.82 10.81 -18.91
CA ILE A 204 -1.54 10.74 -20.18
C ILE A 204 -2.97 10.30 -19.89
N THR A 205 -3.93 11.17 -20.20
CA THR A 205 -5.33 10.91 -19.90
C THR A 205 -5.95 9.91 -20.89
N GLY A 206 -7.22 9.59 -20.66
CA GLY A 206 -7.98 8.75 -21.57
C GLY A 206 -8.25 9.41 -22.92
N HIS A 207 -8.04 10.72 -22.99
CA HIS A 207 -8.12 11.44 -24.25
C HIS A 207 -6.83 11.32 -25.06
N GLY A 208 -5.79 10.73 -24.46
CA GLY A 208 -4.51 10.58 -25.12
C GLY A 208 -3.67 11.84 -25.08
N GLU A 209 -3.97 12.73 -24.14
CA GLU A 209 -3.23 13.98 -23.97
C GLU A 209 -2.22 13.85 -22.83
N MET A 210 -0.96 14.19 -23.11
CA MET A 210 0.06 14.27 -22.08
C MET A 210 -0.11 15.58 -21.31
N VAL A 211 -0.31 15.47 -20.00
CA VAL A 211 -0.60 16.61 -19.14
C VAL A 211 0.31 16.61 -17.92
N THR A 212 0.97 17.74 -17.67
CA THR A 212 1.70 17.94 -16.41
C THR A 212 0.75 18.58 -15.42
N CYS A 213 0.66 17.98 -14.23
CA CYS A 213 -0.30 18.45 -13.24
C CYS A 213 0.31 18.58 -11.84
N SER A 214 -0.24 19.51 -11.07
CA SER A 214 0.22 19.82 -9.71
C SER A 214 -0.89 20.61 -9.05
N LYS A 215 -0.64 21.10 -7.84
CA LYS A 215 -1.58 22.00 -7.16
C LYS A 215 -1.69 23.35 -7.86
N GLN A 216 -0.71 23.67 -8.70
CA GLN A 216 -0.63 24.97 -9.37
C GLN A 216 -1.12 24.92 -10.82
N LEU A 217 -1.23 23.71 -11.37
CA LEU A 217 -1.56 23.52 -12.78
C LEU A 217 -2.32 22.21 -12.96
N ASN A 218 -3.48 22.29 -13.60
CA ASN A 218 -4.36 21.13 -13.78
C ASN A 218 -4.56 20.37 -12.47
N ALA A 219 -4.86 21.13 -11.41
CA ALA A 219 -5.02 20.57 -10.06
C ALA A 219 -6.15 19.54 -9.98
N ASP A 220 -7.17 19.71 -10.81
CA ASP A 220 -8.29 18.76 -10.86
C ASP A 220 -7.83 17.35 -11.23
N LEU A 221 -6.96 17.25 -12.24
CA LEU A 221 -6.39 15.97 -12.65
C LEU A 221 -5.42 15.43 -11.60
N PHE A 222 -4.58 16.32 -11.08
CA PHE A 222 -3.63 16.00 -10.01
C PHE A 222 -4.36 15.32 -8.85
N ASP A 223 -5.39 15.99 -8.33
CA ASP A 223 -6.19 15.48 -7.22
C ASP A 223 -6.90 14.18 -7.55
N ALA A 224 -7.44 14.06 -8.77
CA ALA A 224 -8.19 12.87 -9.18
C ALA A 224 -7.31 11.63 -9.28
N VAL A 225 -6.14 11.80 -9.91
CA VAL A 225 -5.22 10.70 -10.17
C VAL A 225 -4.65 10.11 -8.88
N LEU A 226 -4.35 10.95 -7.90
CA LEU A 226 -3.81 10.50 -6.61
C LEU A 226 -4.86 9.75 -5.80
N GLY A 227 -4.66 8.44 -5.65
CA GLY A 227 -5.66 7.57 -5.06
C GLY A 227 -6.80 7.29 -6.04
N GLY A 228 -6.56 7.62 -7.32
CA GLY A 228 -7.61 7.55 -8.33
C GLY A 228 -7.80 6.22 -9.01
N LEU A 229 -7.09 5.19 -8.54
CA LEU A 229 -7.30 3.81 -8.96
C LEU A 229 -7.17 3.59 -10.48
N GLY A 230 -6.30 4.39 -11.10
CA GLY A 230 -5.97 4.26 -12.51
C GLY A 230 -7.09 4.61 -13.47
N GLN A 231 -8.07 5.37 -12.97
CA GLN A 231 -9.31 5.64 -13.69
C GLN A 231 -9.25 6.78 -14.71
N PHE A 232 -8.25 7.66 -14.55
CA PHE A 232 -8.26 8.95 -15.26
C PHE A 232 -7.12 9.14 -16.24
N GLY A 233 -6.11 8.28 -16.15
CA GLY A 233 -4.92 8.40 -16.97
C GLY A 233 -3.77 7.65 -16.35
N VAL A 234 -2.67 7.58 -17.09
CA VAL A 234 -1.48 6.87 -16.64
C VAL A 234 -0.40 7.85 -16.18
N ILE A 235 0.09 7.66 -14.94
CA ILE A 235 1.21 8.42 -14.42
C ILE A 235 2.48 7.89 -15.10
N THR A 236 3.12 8.73 -15.90
CA THR A 236 4.38 8.35 -16.54
C THR A 236 5.58 8.89 -15.78
N ARG A 237 5.34 9.92 -14.96
CA ARG A 237 6.37 10.50 -14.12
C ARG A 237 5.71 11.10 -12.88
N ALA A 238 6.34 10.90 -11.73
CA ALA A 238 5.91 11.56 -10.51
C ALA A 238 7.10 12.21 -9.82
N ARG A 239 6.88 13.43 -9.35
CA ARG A 239 7.87 14.19 -8.61
C ARG A 239 7.68 13.94 -7.12
N ILE A 240 8.63 13.24 -6.51
CA ILE A 240 8.51 12.79 -5.13
C ILE A 240 9.37 13.62 -4.18
N ALA A 241 8.78 14.09 -3.09
CA ALA A 241 9.51 14.81 -2.04
C ALA A 241 10.53 13.89 -1.39
N VAL A 242 11.71 14.43 -1.09
CA VAL A 242 12.75 13.70 -0.36
C VAL A 242 13.24 14.51 0.84
N GLU A 243 13.98 13.83 1.72
CA GLU A 243 14.60 14.47 2.88
C GLU A 243 16.05 13.99 2.95
N PRO A 244 16.92 14.71 3.65
CA PRO A 244 18.28 14.20 3.90
C PRO A 244 18.18 12.78 4.45
N ALA A 245 18.91 11.84 3.86
CA ALA A 245 18.80 10.44 4.21
C ALA A 245 19.43 10.14 5.57
N PRO A 246 18.66 9.55 6.50
CA PRO A 246 19.25 9.05 7.74
C PRO A 246 20.15 7.86 7.42
N ALA A 247 21.19 7.68 8.22
CA ALA A 247 22.13 6.58 8.02
C ALA A 247 21.61 5.29 8.61
N ARG A 248 20.98 5.40 9.78
CA ARG A 248 20.64 4.23 10.58
C ARG A 248 19.27 4.35 11.23
N ALA A 249 18.76 3.22 11.71
CA ALA A 249 17.51 3.19 12.44
C ALA A 249 17.63 2.34 13.69
N ARG A 250 17.31 2.93 14.83
CA ARG A 250 17.09 2.16 16.05
C ARG A 250 15.68 1.62 15.94
N TRP A 251 15.55 0.30 16.06
CA TRP A 251 14.37 -0.42 15.64
C TRP A 251 13.85 -1.26 16.82
N VAL A 252 12.67 -0.91 17.32
CA VAL A 252 12.15 -1.55 18.53
C VAL A 252 10.80 -2.26 18.33
N ARG A 253 10.60 -3.33 19.09
CA ARG A 253 9.29 -3.96 19.23
C ARG A 253 8.92 -3.99 20.71
N PHE A 254 7.70 -3.56 21.03
CA PHE A 254 7.19 -3.51 22.40
C PHE A 254 5.97 -4.40 22.55
N VAL A 255 5.97 -5.22 23.60
CA VAL A 255 4.94 -6.23 23.75
C VAL A 255 3.89 -5.88 24.81
N TYR A 256 2.63 -6.13 24.45
CA TYR A 256 1.47 -5.87 25.30
C TYR A 256 0.57 -7.11 25.30
N THR A 257 -0.20 -7.28 26.38
CA THR A 257 -1.33 -8.21 26.38
C THR A 257 -2.64 -7.45 26.46
N ASP A 258 -2.54 -6.13 26.68
CA ASP A 258 -3.69 -5.28 26.85
C ASP A 258 -3.88 -4.38 25.62
N PHE A 259 -4.96 -4.61 24.88
CA PHE A 259 -5.22 -3.82 23.67
C PHE A 259 -5.35 -2.33 23.94
N ALA A 260 -6.05 -1.98 25.02
CA ALA A 260 -6.26 -0.58 25.38
C ALA A 260 -4.93 0.14 25.62
N ALA A 261 -3.99 -0.51 26.30
CA ALA A 261 -2.66 0.04 26.54
C ALA A 261 -1.84 0.10 25.25
N PHE A 262 -1.97 -0.94 24.43
CA PHE A 262 -1.30 -1.03 23.13
C PHE A 262 -1.73 0.12 22.21
N SER A 263 -3.02 0.26 21.99
CA SER A 263 -3.56 1.31 21.12
C SER A 263 -3.36 2.72 21.66
N ALA A 264 -3.52 2.92 22.98
CA ALA A 264 -3.28 4.22 23.60
C ALA A 264 -1.84 4.66 23.38
N ASP A 265 -0.90 3.72 23.50
CA ASP A 265 0.51 4.01 23.32
C ASP A 265 0.86 4.33 21.87
N GLN A 266 0.23 3.62 20.93
CA GLN A 266 0.36 3.91 19.51
C GLN A 266 -0.09 5.34 19.21
N GLU A 267 -1.23 5.72 19.78
CA GLU A 267 -1.80 7.05 19.59
C GLU A 267 -0.94 8.13 20.24
N ARG A 268 -0.35 7.79 21.38
CA ARG A 268 0.63 8.65 22.06
C ARG A 268 1.84 8.93 21.18
N LEU A 269 2.41 7.87 20.62
CA LEU A 269 3.61 7.99 19.79
C LEU A 269 3.39 8.78 18.49
N THR A 270 2.15 8.78 18.01
CA THR A 270 1.81 9.39 16.72
C THR A 270 1.02 10.69 16.84
N ALA A 271 0.79 11.13 18.07
CA ALA A 271 0.03 12.36 18.32
C ALA A 271 0.83 13.59 17.89
N PRO A 272 0.14 14.58 17.33
CA PRO A 272 0.76 15.89 17.06
C PRO A 272 1.17 16.58 18.35
N ARG A 273 2.25 17.37 18.30
CA ARG A 273 2.73 18.11 19.47
C ARG A 273 1.83 19.30 19.81
N SER A 280 3.96 19.30 13.81
CA SER A 280 5.04 18.82 14.66
C SER A 280 4.67 17.49 15.32
N PHE A 281 5.63 16.56 15.32
CA PHE A 281 5.38 15.23 15.88
C PHE A 281 6.47 14.81 16.85
N GLY A 282 6.23 13.71 17.57
CA GLY A 282 7.19 13.15 18.50
C GLY A 282 8.42 12.61 17.79
N PRO A 283 9.34 12.02 18.55
CA PRO A 283 10.64 11.59 17.99
C PRO A 283 10.59 10.40 17.04
N MET A 284 9.61 9.50 17.18
CA MET A 284 9.57 8.27 16.37
C MET A 284 9.40 8.54 14.88
N SER A 285 10.22 7.87 14.08
CA SER A 285 10.21 8.01 12.63
C SER A 285 9.15 7.15 11.96
N TYR A 286 8.76 6.09 12.65
CA TYR A 286 7.93 5.02 12.09
C TYR A 286 7.21 4.37 13.25
N VAL A 287 5.91 4.18 13.10
CA VAL A 287 5.11 3.48 14.10
C VAL A 287 4.12 2.55 13.43
N GLU A 288 4.28 1.26 13.68
CA GLU A 288 3.28 0.26 13.28
C GLU A 288 2.98 -0.63 14.47
N GLY A 289 2.14 -1.64 14.25
CA GLY A 289 1.84 -2.62 15.27
C GLY A 289 1.37 -3.91 14.63
N SER A 290 1.40 -4.99 15.41
CA SER A 290 0.91 -6.27 14.93
C SER A 290 0.14 -7.02 16.02
N VAL A 291 -0.72 -7.92 15.58
CA VAL A 291 -1.57 -8.71 16.47
C VAL A 291 -1.20 -10.19 16.31
N PHE A 292 -1.13 -10.88 17.43
CA PHE A 292 -0.76 -12.29 17.45
C PHE A 292 -1.82 -13.07 18.22
N VAL A 293 -2.51 -13.96 17.51
CA VAL A 293 -3.55 -14.79 18.11
C VAL A 293 -2.92 -15.98 18.83
N ASN A 294 -3.54 -16.38 19.93
CA ASN A 294 -2.97 -17.41 20.80
C ASN A 294 -2.61 -18.72 20.10
N GLN A 295 -3.52 -19.25 19.28
CA GLN A 295 -3.32 -20.55 18.63
C GLN A 295 -2.02 -20.63 17.82
N SER A 296 -1.69 -19.56 17.10
CA SER A 296 -0.47 -19.54 16.29
C SER A 296 0.56 -18.54 16.81
N LEU A 297 0.54 -18.31 18.13
CA LEU A 297 1.39 -17.31 18.78
C LEU A 297 2.88 -17.48 18.51
N ALA A 298 3.44 -18.63 18.88
CA ALA A 298 4.87 -18.90 18.71
C ALA A 298 5.31 -18.83 17.24
N THR A 299 4.50 -19.43 16.36
CA THR A 299 4.75 -19.43 14.93
C THR A 299 4.77 -18.01 14.34
N ASP A 300 3.73 -17.24 14.65
CA ASP A 300 3.58 -15.89 14.10
C ASP A 300 4.64 -14.92 14.62
N LEU A 301 5.01 -15.08 15.89
CA LEU A 301 6.09 -14.28 16.48
C LEU A 301 7.42 -14.54 15.78
N ALA A 302 7.71 -15.81 15.51
CA ALA A 302 8.94 -16.20 14.81
C ALA A 302 8.92 -15.73 13.36
N ASN A 303 7.72 -15.67 12.77
CA ASN A 303 7.54 -15.26 11.38
C ASN A 303 7.79 -13.77 11.12
N THR A 304 7.84 -12.97 12.19
CA THR A 304 8.16 -11.54 12.06
C THR A 304 9.57 -11.32 11.53
N GLY A 305 10.48 -12.22 11.90
CA GLY A 305 11.88 -12.09 11.55
C GLY A 305 12.63 -11.18 12.52
N PHE A 306 11.93 -10.71 13.55
CA PHE A 306 12.50 -9.80 14.53
C PHE A 306 12.94 -10.52 15.80
N PHE A 307 12.07 -11.38 16.31
CA PHE A 307 12.32 -12.09 17.56
C PHE A 307 13.17 -13.33 17.34
N THR A 308 14.15 -13.52 18.21
CA THR A 308 14.91 -14.77 18.25
C THR A 308 14.03 -15.84 18.90
N ASP A 309 14.42 -17.10 18.77
CA ASP A 309 13.68 -18.19 19.41
C ASP A 309 13.57 -17.99 20.92
N ALA A 310 14.64 -17.46 21.52
CA ALA A 310 14.64 -17.11 22.95
C ALA A 310 13.62 -16.01 23.26
N ASP A 311 13.56 -14.98 22.40
CA ASP A 311 12.59 -13.89 22.54
C ASP A 311 11.16 -14.42 22.48
N VAL A 312 10.90 -15.30 21.50
CA VAL A 312 9.58 -15.90 21.31
C VAL A 312 9.13 -16.66 22.56
N ALA A 313 10.03 -17.48 23.10
CA ALA A 313 9.74 -18.26 24.30
C ALA A 313 9.33 -17.37 25.48
N ARG A 314 10.02 -16.24 25.64
CA ARG A 314 9.71 -15.28 26.70
C ARG A 314 8.30 -14.70 26.56
N ILE A 315 7.93 -14.35 25.34
CA ILE A 315 6.61 -13.79 25.05
C ILE A 315 5.50 -14.85 25.22
N VAL A 316 5.75 -16.05 24.73
CA VAL A 316 4.80 -17.15 24.91
C VAL A 316 4.55 -17.40 26.41
N ALA A 317 5.63 -17.39 27.19
CA ALA A 317 5.55 -17.59 28.64
C ALA A 317 4.76 -16.47 29.31
N LEU A 318 4.99 -15.23 28.86
CA LEU A 318 4.24 -14.07 29.34
C LEU A 318 2.74 -14.22 29.07
N ALA A 319 2.40 -14.57 27.83
CA ALA A 319 1.01 -14.76 27.44
C ALA A 319 0.37 -15.90 28.24
N GLY A 320 1.14 -16.95 28.48
CA GLY A 320 0.71 -18.08 29.29
C GLY A 320 0.35 -17.71 30.72
N GLU A 321 1.26 -17.00 31.39
CA GLU A 321 1.03 -16.60 32.78
C GLU A 321 -0.18 -15.67 32.95
N ARG A 322 -0.51 -14.91 31.91
CA ARG A 322 -1.64 -13.97 31.94
C ARG A 322 -2.90 -14.55 31.29
N ASN A 323 -2.81 -15.78 30.79
CA ASN A 323 -3.87 -16.42 30.01
C ASN A 323 -4.43 -15.51 28.93
N ALA A 324 -3.53 -14.87 28.18
CA ALA A 324 -3.91 -13.94 27.12
C ALA A 324 -4.23 -14.70 25.84
N THR A 325 -5.37 -14.36 25.24
CA THR A 325 -5.76 -14.95 23.96
C THR A 325 -5.12 -14.20 22.78
N THR A 326 -4.72 -12.96 23.04
CA THR A 326 -4.11 -12.10 22.02
C THR A 326 -2.90 -11.37 22.58
N VAL A 327 -1.83 -11.31 21.78
CA VAL A 327 -0.65 -10.52 22.12
C VAL A 327 -0.50 -9.42 21.07
N TYR A 328 -0.06 -8.24 21.51
CA TYR A 328 0.13 -7.09 20.65
C TYR A 328 1.56 -6.58 20.72
N SER A 329 2.05 -6.09 19.59
CA SER A 329 3.39 -5.52 19.53
C SER A 329 3.41 -4.20 18.79
N ILE A 330 3.92 -3.16 19.42
CA ILE A 330 4.23 -1.93 18.70
C ILE A 330 5.57 -2.12 17.99
N GLU A 331 5.66 -1.69 16.74
CA GLU A 331 6.92 -1.66 16.02
C GLU A 331 7.24 -0.20 15.71
N ALA A 332 8.40 0.26 16.18
CA ALA A 332 8.77 1.66 16.01
C ALA A 332 10.26 1.83 15.69
N THR A 333 10.58 2.92 15.00
CA THR A 333 11.99 3.27 14.78
C THR A 333 12.29 4.71 15.11
N LEU A 334 13.56 4.95 15.37
CA LEU A 334 14.11 6.28 15.49
C LEU A 334 15.30 6.36 14.53
N ASN A 335 15.16 7.17 13.49
CA ASN A 335 16.22 7.37 12.50
C ASN A 335 17.26 8.33 13.05
N TYR A 336 18.53 8.07 12.73
CA TYR A 336 19.63 8.94 13.16
C TYR A 336 20.81 8.89 12.20
N ALA A 344 24.78 6.73 22.11
CA ALA A 344 24.57 7.23 23.48
C ALA A 344 23.49 8.31 23.52
N ALA A 345 23.48 9.16 22.50
CA ALA A 345 22.43 10.16 22.32
C ALA A 345 21.12 9.47 21.95
N VAL A 346 21.20 8.49 21.04
CA VAL A 346 20.06 7.67 20.65
C VAL A 346 19.53 6.91 21.86
N ASP A 347 20.44 6.35 22.66
CA ASP A 347 20.09 5.64 23.89
C ASP A 347 19.18 6.44 24.81
N GLN A 348 19.57 7.69 25.10
CA GLN A 348 18.78 8.54 26.01
C GLN A 348 17.48 9.02 25.37
N GLU A 349 17.53 9.38 24.08
CA GLU A 349 16.33 9.76 23.36
C GLU A 349 15.31 8.63 23.38
N LEU A 350 15.76 7.42 23.09
CA LEU A 350 14.90 6.24 23.11
C LEU A 350 14.34 5.98 24.51
N ALA A 351 15.21 6.04 25.52
CA ALA A 351 14.79 5.82 26.90
C ALA A 351 13.71 6.81 27.33
N SER A 352 13.85 8.07 26.90
CA SER A 352 12.88 9.12 27.20
C SER A 352 11.50 8.81 26.60
N VAL A 353 11.48 8.39 25.34
CA VAL A 353 10.24 8.04 24.66
C VAL A 353 9.58 6.82 25.31
N LEU A 354 10.38 5.78 25.54
CA LEU A 354 9.87 4.52 26.11
C LEU A 354 9.29 4.72 27.50
N GLY A 355 9.84 5.67 28.24
CA GLY A 355 9.35 6.03 29.56
C GLY A 355 7.94 6.60 29.59
N THR A 356 7.46 7.08 28.44
CA THR A 356 6.08 7.57 28.33
C THR A 356 5.08 6.43 28.10
N LEU A 357 5.60 5.24 27.80
CA LEU A 357 4.78 4.10 27.39
C LEU A 357 4.49 3.11 28.51
N SER A 358 3.62 2.15 28.22
CA SER A 358 3.12 1.19 29.21
C SER A 358 3.16 -0.25 28.73
N TYR A 359 4.14 -0.57 27.88
CA TYR A 359 4.39 -1.96 27.49
C TYR A 359 4.87 -2.76 28.70
N VAL A 360 4.78 -4.08 28.61
CA VAL A 360 5.18 -4.94 29.72
C VAL A 360 6.68 -4.82 29.95
N GLU A 361 7.07 -4.40 31.15
CA GLU A 361 8.48 -4.28 31.50
C GLU A 361 9.23 -5.57 31.23
N GLY A 362 10.40 -5.44 30.61
CA GLY A 362 11.18 -6.58 30.18
C GLY A 362 10.90 -6.99 28.74
N PHE A 363 9.90 -6.34 28.12
CA PHE A 363 9.48 -6.71 26.77
C PHE A 363 9.63 -5.60 25.73
N ALA A 364 10.76 -4.89 25.82
CA ALA A 364 11.22 -4.01 24.77
C ALA A 364 12.39 -4.71 24.08
N PHE A 365 12.26 -4.92 22.78
CA PHE A 365 13.27 -5.65 22.01
C PHE A 365 13.87 -4.71 20.97
N GLN A 366 15.20 -4.70 20.91
CA GLN A 366 15.93 -3.70 20.13
C GLN A 366 16.78 -4.28 19.01
N ARG A 367 16.75 -3.60 17.87
CA ARG A 367 17.66 -3.84 16.77
C ARG A 367 18.26 -2.50 16.34
N ASP A 368 19.45 -2.54 15.77
CA ASP A 368 20.07 -1.34 15.20
C ASP A 368 20.62 -1.69 13.81
N VAL A 369 20.06 -1.05 12.79
CA VAL A 369 20.37 -1.39 11.41
C VAL A 369 20.59 -0.15 10.54
N ALA A 370 21.18 -0.36 9.37
CA ALA A 370 21.28 0.69 8.36
C ALA A 370 19.86 1.02 7.90
N TYR A 371 19.60 2.30 7.64
CA TYR A 371 18.29 2.78 7.20
C TYR A 371 17.72 1.97 6.03
N ALA A 372 18.54 1.74 5.01
CA ALA A 372 18.13 1.00 3.81
C ALA A 372 17.74 -0.43 4.11
N ALA A 373 18.44 -1.05 5.06
CA ALA A 373 18.14 -2.42 5.48
C ALA A 373 16.78 -2.49 6.14
N PHE A 374 16.45 -1.50 6.97
CA PHE A 374 15.13 -1.45 7.58
C PHE A 374 14.03 -1.31 6.53
N LEU A 375 14.21 -0.37 5.60
CA LEU A 375 13.20 -0.09 4.58
C LEU A 375 12.92 -1.31 3.68
N ASP A 376 13.96 -2.09 3.39
CA ASP A 376 13.83 -3.25 2.51
C ASP A 376 13.66 -4.56 3.27
N ARG A 377 13.28 -4.47 4.56
CA ARG A 377 13.14 -5.63 5.43
C ARG A 377 12.29 -6.79 4.87
N VAL A 378 11.23 -6.45 4.16
CA VAL A 378 10.29 -7.47 3.67
C VAL A 378 10.85 -8.28 2.50
N HIS A 379 11.78 -7.68 1.74
CA HIS A 379 12.41 -8.38 0.63
C HIS A 379 13.04 -9.71 1.07
N GLY A 380 13.74 -9.67 2.21
CA GLY A 380 14.33 -10.87 2.81
C GLY A 380 13.29 -11.91 3.19
N GLU A 381 12.14 -11.45 3.66
CA GLU A 381 11.01 -12.34 3.99
C GLU A 381 10.50 -13.03 2.72
N GLU A 382 10.38 -12.28 1.63
CA GLU A 382 9.96 -12.84 0.34
C GLU A 382 10.92 -13.91 -0.17
N VAL A 383 12.23 -13.61 -0.14
CA VAL A 383 13.26 -14.53 -0.60
C VAL A 383 13.18 -15.86 0.16
N ALA A 384 13.06 -15.79 1.49
CA ALA A 384 12.98 -16.97 2.34
C ALA A 384 11.69 -17.76 2.09
N LEU A 385 10.55 -17.08 2.05
CA LEU A 385 9.27 -17.73 1.85
C LEU A 385 9.14 -18.36 0.45
N ASN A 386 9.68 -17.68 -0.56
CA ASN A 386 9.67 -18.17 -1.93
C ASN A 386 10.47 -19.47 -2.11
N LYS A 387 11.54 -19.62 -1.32
CA LYS A 387 12.34 -20.84 -1.29
C LYS A 387 11.53 -22.02 -0.79
N LEU A 388 10.66 -21.77 0.19
CA LEU A 388 9.77 -22.79 0.74
C LEU A 388 8.45 -22.90 -0.02
N GLY A 389 8.31 -22.12 -1.09
CA GLY A 389 7.12 -22.12 -1.93
C GLY A 389 5.91 -21.53 -1.22
N LEU A 390 6.16 -20.64 -0.26
CA LEU A 390 5.08 -20.07 0.56
C LEU A 390 4.82 -18.59 0.27
N TRP A 391 5.45 -18.07 -0.78
CA TRP A 391 5.20 -16.69 -1.21
C TRP A 391 4.14 -16.63 -2.31
N ARG A 392 4.32 -17.42 -3.35
CA ARG A 392 3.39 -17.44 -4.48
C ARG A 392 2.19 -18.33 -4.19
N VAL A 393 1.37 -17.89 -3.23
CA VAL A 393 0.16 -18.59 -2.82
C VAL A 393 -1.02 -17.60 -2.88
N PRO A 394 -2.26 -18.09 -2.81
CA PRO A 394 -3.41 -17.17 -2.76
C PRO A 394 -3.31 -16.24 -1.55
N HIS A 395 -3.59 -14.96 -1.78
CA HIS A 395 -3.52 -13.94 -0.72
C HIS A 395 -4.87 -13.25 -0.54
N PRO A 396 -5.78 -13.88 0.23
CA PRO A 396 -7.06 -13.25 0.56
C PRO A 396 -6.88 -12.20 1.64
N TRP A 397 -6.15 -11.14 1.30
CA TRP A 397 -5.81 -10.06 2.22
C TRP A 397 -7.02 -9.17 2.48
N LEU A 398 -7.17 -8.76 3.75
CA LEU A 398 -8.20 -7.79 4.10
C LEU A 398 -7.53 -6.52 4.62
N ASN A 399 -7.76 -5.43 3.90
CA ASN A 399 -7.18 -4.14 4.28
C ASN A 399 -8.28 -3.09 4.42
N MET A 400 -8.26 -2.38 5.54
CA MET A 400 -9.23 -1.31 5.76
C MET A 400 -8.72 -0.22 6.68
N PHE A 401 -9.41 0.90 6.68
CA PHE A 401 -9.16 1.98 7.61
C PHE A 401 -10.33 2.03 8.59
N VAL A 402 -10.02 1.88 9.87
CA VAL A 402 -11.04 1.79 10.92
C VAL A 402 -10.97 3.03 11.82
N PRO A 403 -12.07 3.76 11.98
CA PRO A 403 -12.09 4.95 12.83
C PRO A 403 -11.65 4.62 14.26
N ARG A 404 -10.87 5.51 14.86
CA ARG A 404 -10.34 5.32 16.21
C ARG A 404 -11.42 4.99 17.24
N SER A 405 -12.58 5.66 17.14
CA SER A 405 -13.66 5.47 18.11
C SER A 405 -14.21 4.04 18.16
N ARG A 406 -13.91 3.24 17.13
CA ARG A 406 -14.39 1.87 17.04
C ARG A 406 -13.29 0.80 16.98
N ILE A 407 -12.04 1.19 17.18
CA ILE A 407 -10.93 0.24 17.10
C ILE A 407 -10.95 -0.81 18.23
N ALA A 408 -11.35 -0.40 19.44
CA ALA A 408 -11.52 -1.35 20.54
C ALA A 408 -12.61 -2.38 20.22
N ASP A 409 -13.72 -1.91 19.64
CA ASP A 409 -14.82 -2.79 19.21
C ASP A 409 -14.34 -3.78 18.15
N PHE A 410 -13.57 -3.29 17.19
CA PHE A 410 -12.97 -4.13 16.15
C PHE A 410 -12.08 -5.21 16.77
N ASP A 411 -11.25 -4.82 17.73
CA ASP A 411 -10.38 -5.77 18.42
C ASP A 411 -11.18 -6.88 19.10
N ARG A 412 -12.25 -6.48 19.80
CA ARG A 412 -13.14 -7.41 20.48
C ARG A 412 -13.78 -8.41 19.51
N GLY A 413 -14.33 -7.90 18.42
CA GLY A 413 -15.04 -8.73 17.45
C GLY A 413 -14.16 -9.55 16.54
N VAL A 414 -12.96 -9.05 16.21
CA VAL A 414 -12.11 -9.69 15.21
C VAL A 414 -10.91 -10.43 15.82
N PHE A 415 -10.07 -9.70 16.57
CA PHE A 415 -8.85 -10.29 17.14
C PHE A 415 -9.16 -11.20 18.32
N LYS A 416 -10.09 -10.78 19.17
CA LYS A 416 -10.50 -11.56 20.33
C LYS A 416 -11.69 -12.48 20.00
N GLY A 417 -12.23 -12.31 18.79
CA GLY A 417 -13.42 -13.04 18.37
C GLY A 417 -13.17 -13.95 17.18
N ILE A 418 -13.48 -13.44 15.99
CA ILE A 418 -13.51 -14.23 14.75
C ILE A 418 -12.22 -15.02 14.49
N LEU A 419 -11.07 -14.37 14.67
CA LEU A 419 -9.78 -14.95 14.34
C LEU A 419 -9.26 -15.97 15.35
N GLN A 420 -9.84 -15.98 16.55
CA GLN A 420 -9.44 -16.93 17.59
C GLN A 420 -9.70 -18.37 17.15
N GLY A 421 -8.78 -19.26 17.52
CA GLY A 421 -8.91 -20.68 17.23
C GLY A 421 -8.56 -21.06 15.81
N THR A 422 -7.78 -20.23 15.14
CA THR A 422 -7.33 -20.51 13.77
C THR A 422 -5.80 -20.45 13.67
N ASP A 423 -5.25 -21.16 12.69
CA ASP A 423 -3.83 -21.08 12.38
C ASP A 423 -3.62 -19.93 11.38
N ILE A 424 -3.14 -18.80 11.89
CA ILE A 424 -2.91 -17.63 11.05
C ILE A 424 -1.50 -17.65 10.48
N VAL A 425 -1.40 -17.44 9.17
CA VAL A 425 -0.13 -17.33 8.47
C VAL A 425 -0.14 -15.99 7.74
N GLY A 426 0.85 -15.15 8.07
CA GLY A 426 0.91 -13.79 7.56
C GLY A 426 0.67 -12.79 8.68
N PRO A 427 1.23 -11.59 8.56
CA PRO A 427 1.07 -10.56 9.60
C PRO A 427 -0.34 -10.00 9.68
N LEU A 428 -0.72 -9.62 10.90
CA LEU A 428 -1.93 -8.85 11.14
C LEU A 428 -1.45 -7.50 11.65
N ILE A 429 -1.53 -6.49 10.79
CA ILE A 429 -0.96 -5.19 11.08
C ILE A 429 -2.04 -4.17 11.43
N VAL A 430 -1.77 -3.40 12.49
CA VAL A 430 -2.72 -2.42 13.01
C VAL A 430 -1.93 -1.22 13.54
N TYR A 431 -2.26 -0.02 13.05
CA TYR A 431 -1.61 1.21 13.50
C TYR A 431 -2.39 2.46 13.13
N PRO A 432 -2.33 3.48 13.99
CA PRO A 432 -3.08 4.73 13.76
C PRO A 432 -2.48 5.65 12.72
N LEU A 433 -3.34 6.40 12.04
CA LEU A 433 -2.95 7.40 11.06
C LEU A 433 -3.63 8.71 11.42
N ASN A 434 -3.02 9.83 11.03
CA ASN A 434 -3.60 11.13 11.28
C ASN A 434 -4.23 11.71 10.01
N LYS A 435 -5.55 11.91 10.04
CA LYS A 435 -6.29 12.45 8.90
C LYS A 435 -5.75 13.79 8.40
N SER A 436 -5.20 14.59 9.30
CA SER A 436 -4.61 15.90 8.98
C SER A 436 -3.54 15.82 7.88
N MET A 437 -2.92 14.65 7.76
CA MET A 437 -1.82 14.45 6.80
C MET A 437 -2.33 13.91 5.46
N TRP A 438 -3.64 13.76 5.35
CA TRP A 438 -4.30 13.33 4.12
C TRP A 438 -5.05 14.51 3.49
N ASP A 439 -5.02 14.58 2.17
CA ASP A 439 -5.74 15.59 1.43
C ASP A 439 -7.06 15.00 0.97
N ASP A 440 -8.17 15.43 1.57
CA ASP A 440 -9.48 14.88 1.24
C ASP A 440 -9.96 15.28 -0.16
N GLY A 441 -9.30 16.26 -0.76
CA GLY A 441 -9.57 16.66 -2.14
C GLY A 441 -9.08 15.64 -3.15
N MET A 442 -8.17 14.77 -2.72
CA MET A 442 -7.68 13.66 -3.56
C MET A 442 -8.68 12.52 -3.56
N SER A 443 -8.58 11.63 -4.54
CA SER A 443 -9.54 10.55 -4.72
C SER A 443 -9.59 9.53 -3.59
N ALA A 444 -8.47 9.33 -2.90
CA ALA A 444 -8.40 8.34 -1.82
C ALA A 444 -9.46 8.60 -0.75
N ALA A 445 -10.14 7.55 -0.30
CA ALA A 445 -11.21 7.68 0.68
C ALA A 445 -10.77 7.20 2.06
N THR A 446 -10.98 8.04 3.07
CA THR A 446 -10.63 7.70 4.45
C THR A 446 -11.81 7.96 5.38
N PRO A 447 -11.83 7.32 6.56
CA PRO A 447 -12.85 7.61 7.57
C PRO A 447 -12.85 9.07 8.00
N SER A 448 -13.93 9.52 8.63
CA SER A 448 -14.14 10.93 8.92
C SER A 448 -13.40 11.44 10.18
N GLU A 449 -12.94 10.52 11.02
CA GLU A 449 -12.34 10.87 12.31
C GLU A 449 -10.89 11.35 12.15
N ASP A 450 -10.45 12.19 13.08
CA ASP A 450 -9.10 12.76 13.04
C ASP A 450 -8.03 11.68 13.08
N VAL A 451 -8.34 10.59 13.77
CA VAL A 451 -7.46 9.42 13.85
C VAL A 451 -8.24 8.20 13.36
N PHE A 452 -7.63 7.44 12.46
CA PHE A 452 -8.16 6.15 12.05
C PHE A 452 -7.01 5.16 11.91
N TYR A 453 -7.31 3.88 11.98
CA TYR A 453 -6.29 2.84 11.99
C TYR A 453 -6.19 2.14 10.65
N ALA A 454 -4.96 1.97 10.18
CA ALA A 454 -4.68 1.02 9.10
C ALA A 454 -4.82 -0.38 9.71
N VAL A 455 -5.70 -1.19 9.10
CA VAL A 455 -5.84 -2.58 9.52
C VAL A 455 -5.56 -3.45 8.30
N SER A 456 -4.45 -4.17 8.34
CA SER A 456 -4.02 -5.00 7.24
C SER A 456 -3.85 -6.44 7.71
N LEU A 457 -4.83 -7.26 7.36
CA LEU A 457 -4.85 -8.67 7.74
C LEU A 457 -4.40 -9.49 6.54
N LEU A 458 -3.13 -9.86 6.55
CA LEU A 458 -2.49 -10.39 5.35
C LEU A 458 -2.40 -11.91 5.36
N PHE A 459 -3.57 -12.54 5.21
CA PHE A 459 -3.70 -13.99 5.24
C PHE A 459 -3.08 -14.63 4.01
N SER A 460 -2.25 -15.66 4.23
CA SER A 460 -1.78 -16.53 3.17
C SER A 460 -2.55 -17.84 3.25
N SER A 461 -3.08 -18.30 2.12
CA SER A 461 -3.85 -19.54 2.10
C SER A 461 -2.92 -20.75 1.91
N ASN A 465 -8.09 -26.14 0.65
CA ASN A 465 -9.35 -25.85 1.29
C ASN A 465 -9.31 -24.61 2.17
N ASP A 466 -8.08 -24.13 2.41
CA ASP A 466 -7.86 -22.94 3.22
C ASP A 466 -8.45 -21.68 2.60
N LEU A 467 -8.38 -21.57 1.27
CA LEU A 467 -8.85 -20.36 0.58
C LEU A 467 -10.33 -20.05 0.83
N ALA A 468 -11.20 -21.04 0.63
CA ALA A 468 -12.63 -20.86 0.85
C ALA A 468 -12.93 -20.45 2.29
N ARG A 469 -12.23 -21.06 3.23
CA ARG A 469 -12.37 -20.74 4.65
C ARG A 469 -12.01 -19.27 4.92
N LEU A 470 -10.86 -18.84 4.38
CA LEU A 470 -10.38 -17.47 4.57
C LEU A 470 -11.26 -16.43 3.89
N GLN A 471 -11.80 -16.77 2.72
CA GLN A 471 -12.72 -15.88 2.01
C GLN A 471 -14.02 -15.70 2.81
N GLU A 472 -14.50 -16.80 3.40
CA GLU A 472 -15.68 -16.76 4.26
C GLU A 472 -15.39 -15.96 5.53
N GLN A 473 -14.20 -16.15 6.09
CA GLN A 473 -13.76 -15.41 7.28
C GLN A 473 -13.75 -13.89 7.04
N ASN A 474 -13.23 -13.47 5.89
CA ASN A 474 -13.19 -12.06 5.53
C ASN A 474 -14.59 -11.46 5.35
N ARG A 475 -15.50 -12.22 4.73
CA ARG A 475 -16.91 -11.85 4.63
C ARG A 475 -17.51 -11.66 6.03
N ARG A 476 -17.17 -12.59 6.94
CA ARG A 476 -17.65 -12.54 8.32
C ARG A 476 -17.14 -11.31 9.07
N ILE A 477 -15.86 -10.95 8.86
CA ILE A 477 -15.30 -9.75 9.47
C ILE A 477 -16.04 -8.49 8.99
N LEU A 478 -16.25 -8.40 7.68
CA LEU A 478 -16.99 -7.28 7.11
C LEU A 478 -18.42 -7.22 7.62
N ARG A 479 -19.07 -8.38 7.71
CA ARG A 479 -20.42 -8.50 8.26
C ARG A 479 -20.49 -7.98 9.70
N PHE A 480 -19.51 -8.37 10.51
CA PHE A 480 -19.42 -7.87 11.89
C PHE A 480 -19.31 -6.35 11.92
N CYS A 481 -18.46 -5.79 11.06
CA CYS A 481 -18.25 -4.35 11.00
C CYS A 481 -19.51 -3.61 10.58
N ASP A 482 -20.22 -4.16 9.59
CA ASP A 482 -21.45 -3.55 9.09
C ASP A 482 -22.54 -3.54 10.17
N LEU A 483 -22.69 -4.67 10.86
CA LEU A 483 -23.69 -4.83 11.90
C LEU A 483 -23.39 -3.97 13.13
N ALA A 484 -22.10 -3.76 13.39
CA ALA A 484 -21.65 -2.93 14.50
C ALA A 484 -21.73 -1.44 14.15
N GLY A 485 -21.98 -1.15 12.87
CA GLY A 485 -22.08 0.22 12.41
C GLY A 485 -20.73 0.94 12.34
N ILE A 486 -19.66 0.17 12.18
CA ILE A 486 -18.33 0.75 12.05
C ILE A 486 -18.16 1.36 10.66
N GLN A 487 -17.87 2.66 10.62
CA GLN A 487 -17.73 3.39 9.36
C GLN A 487 -16.31 3.27 8.79
N TYR A 488 -15.94 2.06 8.42
CA TYR A 488 -14.63 1.77 7.84
C TYR A 488 -14.58 2.18 6.36
N LYS A 489 -13.36 2.32 5.84
CA LYS A 489 -13.15 2.40 4.40
C LYS A 489 -12.22 1.26 4.02
N THR A 490 -12.54 0.54 2.94
CA THR A 490 -11.61 -0.47 2.46
C THR A 490 -10.41 0.21 1.82
N TYR A 491 -9.32 -0.53 1.73
CA TYR A 491 -8.11 -0.08 1.03
C TYR A 491 -7.62 -1.27 0.21
N LEU A 492 -7.21 -1.02 -1.03
CA LEU A 492 -6.67 -2.05 -1.93
C LEU A 492 -7.70 -3.10 -2.37
N ALA A 493 -8.97 -2.85 -2.06
CA ALA A 493 -10.04 -3.74 -2.44
C ALA A 493 -10.84 -3.13 -3.58
N ARG A 494 -11.35 -3.97 -4.46
CA ARG A 494 -12.29 -3.49 -5.46
C ARG A 494 -13.70 -3.97 -5.11
N HIS A 495 -14.67 -3.09 -5.30
CA HIS A 495 -16.07 -3.43 -5.10
C HIS A 495 -16.71 -3.78 -6.43
N THR A 496 -17.85 -4.46 -6.39
CA THR A 496 -18.43 -5.06 -7.59
C THR A 496 -19.79 -4.50 -8.01
N ASP A 497 -20.33 -3.57 -7.24
CA ASP A 497 -21.52 -2.85 -7.67
C ASP A 497 -21.47 -1.36 -7.34
N ARG A 498 -22.35 -0.60 -8.00
CA ARG A 498 -22.39 0.85 -7.87
C ARG A 498 -22.56 1.33 -6.43
N SER A 499 -23.52 0.73 -5.72
CA SER A 499 -23.84 1.18 -4.36
C SER A 499 -22.65 1.07 -3.40
N ASP A 500 -21.88 -0.02 -3.52
CA ASP A 500 -20.71 -0.23 -2.69
C ASP A 500 -19.62 0.81 -2.96
N TRP A 501 -19.42 1.14 -4.23
CA TRP A 501 -18.45 2.15 -4.62
C TRP A 501 -18.89 3.56 -4.20
N VAL A 502 -20.18 3.86 -4.31
CA VAL A 502 -20.71 5.16 -3.89
C VAL A 502 -20.53 5.33 -2.38
N ARG A 503 -20.80 4.25 -1.64
CA ARG A 503 -20.60 4.20 -0.19
C ARG A 503 -19.12 4.37 0.16
N HIS A 504 -18.24 3.73 -0.60
CA HIS A 504 -16.80 3.85 -0.40
C HIS A 504 -16.35 5.32 -0.44
N PHE A 505 -16.72 6.02 -1.49
CA PHE A 505 -16.31 7.41 -1.68
C PHE A 505 -17.13 8.41 -0.88
N GLY A 506 -18.40 8.07 -0.61
CA GLY A 506 -19.36 9.02 -0.07
C GLY A 506 -19.95 9.85 -1.18
N ALA A 507 -21.12 10.45 -0.95
CA ALA A 507 -21.88 11.10 -2.02
C ALA A 507 -21.12 12.21 -2.74
N ALA A 508 -20.53 13.13 -1.98
CA ALA A 508 -19.82 14.28 -2.56
C ALA A 508 -18.57 13.88 -3.35
N LYS A 509 -17.77 12.99 -2.77
CA LYS A 509 -16.53 12.55 -3.42
C LYS A 509 -16.82 11.69 -4.65
N TRP A 510 -17.88 10.88 -4.57
CA TRP A 510 -18.32 10.08 -5.72
C TRP A 510 -18.69 10.98 -6.90
N ASN A 511 -19.49 12.01 -6.65
CA ASN A 511 -19.94 12.92 -7.69
C ASN A 511 -18.76 13.60 -8.37
N ARG A 512 -17.76 13.98 -7.57
CA ARG A 512 -16.51 14.54 -8.10
C ARG A 512 -15.75 13.50 -8.94
N PHE A 513 -15.68 12.28 -8.42
CA PHE A 513 -15.03 11.15 -9.10
C PHE A 513 -15.62 10.93 -10.50
N VAL A 514 -16.95 10.96 -10.57
CA VAL A 514 -17.70 10.83 -11.82
C VAL A 514 -17.42 12.01 -12.76
N GLU A 515 -17.43 13.23 -12.22
CA GLU A 515 -17.12 14.42 -13.00
C GLU A 515 -15.73 14.30 -13.66
N MET A 516 -14.76 13.82 -12.91
CA MET A 516 -13.41 13.66 -13.41
C MET A 516 -13.32 12.53 -14.44
N LYS A 517 -14.14 11.50 -14.25
CA LYS A 517 -14.22 10.40 -15.20
C LYS A 517 -14.75 10.86 -16.55
N ASN A 518 -15.82 11.66 -16.53
CA ASN A 518 -16.39 12.23 -17.74
C ASN A 518 -15.40 13.13 -18.48
N LYS A 519 -14.59 13.86 -17.70
CA LYS A 519 -13.60 14.77 -18.26
C LYS A 519 -12.39 14.05 -18.85
N TYR A 520 -11.92 13.00 -18.18
CA TYR A 520 -10.62 12.40 -18.50
C TYR A 520 -10.64 10.99 -19.09
N ASP A 521 -11.72 10.26 -18.84
CA ASP A 521 -11.91 8.93 -19.43
C ASP A 521 -13.39 8.69 -19.78
N PRO A 522 -13.95 9.49 -20.69
CA PRO A 522 -15.38 9.42 -21.01
C PRO A 522 -15.84 8.10 -21.62
N LYS A 523 -14.92 7.38 -22.28
CA LYS A 523 -15.23 6.08 -22.87
C LYS A 523 -15.20 4.95 -21.85
N ARG A 524 -14.76 5.26 -20.62
CA ARG A 524 -14.62 4.29 -19.53
C ARG A 524 -13.78 3.09 -19.94
N LEU A 525 -12.54 3.38 -20.34
CA LEU A 525 -11.60 2.38 -20.80
C LEU A 525 -10.61 1.97 -19.71
N LEU A 526 -10.26 2.92 -18.86
CA LEU A 526 -9.06 2.79 -18.02
C LEU A 526 -9.25 1.99 -16.75
N SER A 527 -8.29 1.10 -16.49
CA SER A 527 -8.28 0.23 -15.30
C SER A 527 -9.66 -0.38 -14.98
N PRO A 528 -10.20 -1.17 -15.91
CA PRO A 528 -11.55 -1.72 -15.77
C PRO A 528 -11.67 -2.74 -14.63
N GLY A 529 -10.54 -3.30 -14.19
CA GLY A 529 -10.50 -4.27 -13.11
C GLY A 529 -10.87 -3.71 -11.75
N GLN A 530 -10.95 -2.38 -11.64
CA GLN A 530 -11.45 -1.75 -10.41
C GLN A 530 -12.96 -1.94 -10.27
N ASP A 531 -13.62 -2.23 -11.40
CA ASP A 531 -15.06 -2.48 -11.45
C ASP A 531 -15.90 -1.31 -10.91
N ILE A 532 -15.44 -0.08 -11.17
CA ILE A 532 -16.18 1.11 -10.78
C ILE A 532 -17.09 1.54 -11.91
N PHE A 533 -16.51 1.64 -13.11
CA PHE A 533 -17.26 2.04 -14.30
C PHE A 533 -17.27 0.91 -15.32
N ASN A 534 -16.87 -0.29 -14.87
CA ASN A 534 -16.79 -1.47 -15.73
C ASN A 534 -17.22 -2.73 -14.99
C1 NAG B . 15.78 12.17 -16.38
C2 NAG B . 14.43 12.06 -17.11
C3 NAG B . 14.65 11.82 -18.60
C4 NAG B . 15.61 12.85 -19.21
C5 NAG B . 16.84 13.06 -18.32
C6 NAG B . 17.66 14.28 -18.77
C7 NAG B . 12.43 11.30 -15.93
C8 NAG B . 11.58 10.14 -15.52
N2 NAG B . 13.58 11.02 -16.55
O3 NAG B . 13.40 11.85 -19.25
O4 NAG B . 16.04 12.39 -20.47
O5 NAG B . 16.51 13.25 -16.95
O6 NAG B . 19.03 13.96 -18.66
O7 NAG B . 12.06 12.45 -15.68
C1 NAG B . 15.41 13.05 -21.58
C2 NAG B . 16.31 12.89 -22.81
C3 NAG B . 15.65 13.40 -24.09
C4 NAG B . 14.20 12.94 -24.22
C5 NAG B . 13.44 13.20 -22.92
C6 NAG B . 11.98 12.74 -23.00
C7 NAG B . 18.73 12.98 -22.39
C8 NAG B . 19.87 13.87 -21.99
N2 NAG B . 17.56 13.61 -22.60
O3 NAG B . 16.38 12.97 -25.22
O4 NAG B . 13.59 13.61 -25.30
O5 NAG B . 14.10 12.56 -21.84
O6 NAG B . 11.75 11.61 -22.19
O7 NAG B . 18.89 11.77 -22.50
PA FAD C . -0.61 -2.84 -10.03
O1A FAD C . -1.14 -3.86 -9.09
O2A FAD C . 0.01 -3.47 -11.28
O5B FAD C . -1.76 -1.81 -10.45
C5B FAD C . -2.73 -1.37 -9.53
C4B FAD C . -3.72 -0.41 -10.19
O4B FAD C . -3.10 0.84 -10.47
C3B FAD C . -4.28 -0.94 -11.49
O3B FAD C . -5.64 -0.56 -11.56
C2B FAD C . -3.46 -0.21 -12.55
O2B FAD C . -4.16 -0.03 -13.77
C1B FAD C . -3.10 1.10 -11.85
N9A FAD C . -1.77 1.61 -12.24
C8A FAD C . -0.56 0.98 -12.16
N7A FAD C . 0.41 1.84 -12.62
C5A FAD C . -0.18 3.00 -12.95
C6A FAD C . 0.31 4.20 -13.45
N6A FAD C . 1.61 4.34 -13.75
N1A FAD C . -0.56 5.23 -13.70
C2A FAD C . -1.93 5.09 -13.46
N3A FAD C . -2.41 3.90 -12.97
C4A FAD C . -1.56 2.88 -12.72
N1 FAD C . 0.46 -0.85 -0.26
C2 FAD C . 0.65 0.10 0.72
O2 FAD C . 0.05 1.17 0.65
N3 FAD C . 1.51 -0.15 1.76
C4 FAD C . 2.19 -1.36 1.84
O4 FAD C . 2.87 -1.61 2.83
C4X FAD C . 2.00 -2.32 0.84
N5 FAD C . 2.66 -3.54 0.89
C5X FAD C . 2.46 -4.48 -0.10
C6 FAD C . 3.13 -5.70 -0.04
C7 FAD C . 2.96 -6.67 -1.03
C7M FAD C . 3.80 -7.91 -0.98
C8 FAD C . 2.09 -6.41 -2.10
C8M FAD C . 2.17 -7.23 -3.38
C9 FAD C . 1.41 -5.18 -2.15
C9A FAD C . 1.59 -4.21 -1.16
N10 FAD C . 0.92 -3.01 -1.20
C10 FAD C . 1.13 -2.05 -0.21
C1' FAD C . -0.26 -2.81 -2.13
C2' FAD C . 0.18 -2.04 -3.37
O2' FAD C . 0.28 -0.67 -3.06
C3' FAD C . -0.81 -2.28 -4.51
O3' FAD C . -0.70 -3.62 -4.96
C4' FAD C . -0.64 -1.31 -5.69
O4' FAD C . -1.51 -1.70 -6.72
C5' FAD C . 0.79 -1.20 -6.22
O5' FAD C . 1.14 -2.37 -6.91
P FAD C . 1.68 -2.31 -8.43
O1P FAD C . 2.68 -1.22 -8.55
O2P FAD C . 2.20 -3.68 -8.85
O3P FAD C . 0.39 -1.83 -9.28
O16 ZEA D . -0.99 -1.93 4.80
O16 ZEA D . -1.02 -1.91 4.74
C14 ZEA D . -0.84 -2.21 3.41
C14 ZEA D . -1.01 -2.15 3.34
C13 ZEA D . -0.09 -3.51 3.22
C13 ZEA D . -0.29 -3.44 3.03
C15 ZEA D . -0.50 -4.42 2.10
C15 ZEA D . -0.73 -4.26 1.83
C12 ZEA D . 0.94 -3.80 4.05
C12 ZEA D . 0.73 -3.85 3.79
C11 ZEA D . 1.79 -5.04 3.97
C11 ZEA D . 1.50 -5.12 3.53
N10 ZEA D . 2.80 -5.03 5.02
N10 ZEA D . 2.54 -5.34 4.51
C6 ZEA D . 3.70 -6.00 5.27
C6 ZEA D . 3.33 -6.42 4.45
C5 ZEA D . 3.78 -7.30 4.53
C5 ZEA D . 4.37 -6.64 5.49
N9 ZEA D . 3.11 -7.87 3.46
N9 ZEA D . 4.78 -5.92 6.60
C4 ZEA D . 4.73 -8.17 4.94
C4 ZEA D . 5.11 -7.76 5.39
N7 ZEA D . 4.74 -9.34 4.18
N7 ZEA D . 6.04 -7.85 6.39
C8 ZEA D . 3.71 -9.10 3.29
C8 ZEA D . 5.81 -6.69 7.11
N3 ZEA D . 5.56 -7.91 5.97
N3 ZEA D . 4.93 -8.66 4.39
C2 ZEA D . 5.47 -6.75 6.63
C2 ZEA D . 3.98 -8.46 3.47
N1 ZEA D . 4.56 -5.81 6.31
N1 ZEA D . 3.19 -7.37 3.49
C1 NAG E . -2.25 -19.18 -8.60
C2 NAG E . -2.91 -19.27 -9.99
C3 NAG E . -2.82 -20.68 -10.56
C4 NAG E . -1.39 -21.21 -10.50
C5 NAG E . -0.83 -21.04 -9.08
C6 NAG E . 0.63 -21.48 -9.00
C7 NAG E . -4.68 -17.61 -10.27
C8 NAG E . -6.15 -17.38 -10.40
N2 NAG E . -4.31 -18.85 -9.94
O3 NAG E . -3.28 -20.69 -11.90
O4 NAG E . -1.38 -22.57 -10.89
O5 NAG E . -0.93 -19.68 -8.67
O6 NAG E . 0.92 -21.80 -7.65
O7 NAG E . -3.89 -16.68 -10.45
C1 NAG F . -9.60 12.84 -29.15
C2 NAG F . -8.50 13.69 -29.82
C3 NAG F . -9.08 15.02 -30.29
C4 NAG F . -10.27 14.78 -31.21
C5 NAG F . -11.28 13.83 -30.55
C6 NAG F . -12.40 13.44 -31.52
C7 NAG F . -6.24 13.14 -29.12
C8 NAG F . -5.01 13.63 -28.42
N2 NAG F . -7.33 13.87 -28.96
O3 NAG F . -8.10 15.77 -30.96
O4 NAG F . -10.88 16.00 -31.56
O5 NAG F . -10.65 12.65 -30.08
O6 NAG F . -13.46 12.86 -30.80
O7 NAG F . -6.19 12.10 -29.79
C1 NAG G . -3.48 -21.00 23.50
C2 NAG G . -4.44 -21.33 24.66
C3 NAG G . -4.12 -22.70 25.25
C4 NAG G . -3.99 -23.78 24.18
C5 NAG G . -3.16 -23.31 22.97
C6 NAG G . -3.29 -24.28 21.81
C7 NAG G . -5.40 -19.51 26.00
C8 NAG G . -5.28 -18.75 27.29
N2 NAG G . -4.37 -20.31 25.70
O3 NAG G . -5.13 -23.07 26.16
O4 NAG G . -3.40 -24.92 24.75
O5 NAG G . -3.56 -22.03 22.53
O6 NAG G . -2.46 -23.90 20.75
O7 NAG G . -6.39 -19.35 25.28
#